data_2BB3
#
_entry.id   2BB3
#
_cell.length_a   88.191
_cell.length_b   88.418
_cell.length_c   115.932
_cell.angle_alpha   90.00
_cell.angle_beta   90.00
_cell.angle_gamma   90.00
#
_symmetry.space_group_name_H-M   'C 2 2 21'
#
loop_
_entity.id
_entity.type
_entity.pdbx_description
1 polymer 'cobalamin biosynthesis precorrin-6Y methylase (cbiE)'
2 non-polymer S-ADENOSYL-L-HOMOCYSTEINE
3 water water
#
_entity_poly.entity_id   1
_entity_poly.type   'polypeptide(L)'
_entity_poly.pdbx_seq_one_letter_code
;(MSE)GSSHHHHHHSSGRENLYFSGH(MSE)IWIVGSGTCRGQTTERAKEIIERAEVIYGSRRALELAGVVDDSRARILR
SFKGDEIRRI(MSE)EEGREREVAVISTGDP(MSE)VAGLGRVLREIAEDVEIKIEPAISSVQVALARLKVDLSEVAVVD
CHAKDFDAELTELLKYRHLLILADSHFPLERLGKRRVVLLENLC(MSE)EGERIREGNADSIELESDYTIIFVEREV
(MSE)EGS
;
_entity_poly.pdbx_strand_id   A,B
#
loop_
_chem_comp.id
_chem_comp.type
_chem_comp.name
_chem_comp.formula
SAH non-polymer S-ADENOSYL-L-HOMOCYSTEINE 'C14 H20 N6 O5 S'
#
# COMPACT_ATOMS: atom_id res chain seq x y z
N SER A 20 29.85 -22.13 -9.78
CA SER A 20 30.66 -21.93 -8.55
C SER A 20 30.92 -20.46 -8.22
N GLY A 21 31.79 -19.82 -9.02
CA GLY A 21 32.11 -18.41 -8.76
C GLY A 21 32.02 -17.52 -10.00
N HIS A 22 32.34 -16.24 -9.82
CA HIS A 22 32.27 -15.26 -10.91
C HIS A 22 30.87 -15.18 -11.51
N MSE A 23 29.86 -15.28 -10.66
CA MSE A 23 28.49 -15.23 -11.14
C MSE A 23 27.50 -14.97 -10.02
O MSE A 23 27.69 -15.42 -8.89
CB MSE A 23 28.13 -16.56 -11.83
CG MSE A 23 28.25 -17.75 -10.91
SE MSE A 23 26.69 -18.09 -9.81
CE MSE A 23 26.77 -20.03 -9.88
N ILE A 24 26.43 -14.24 -10.36
CA ILE A 24 25.38 -13.91 -9.41
C ILE A 24 24.10 -14.66 -9.71
N TRP A 25 23.18 -14.68 -8.75
CA TRP A 25 21.90 -15.30 -8.93
C TRP A 25 20.82 -14.22 -8.89
N ILE A 26 19.76 -14.44 -9.66
CA ILE A 26 18.61 -13.54 -9.63
C ILE A 26 17.53 -14.53 -9.26
N VAL A 27 16.97 -14.37 -8.06
CA VAL A 27 15.95 -15.29 -7.56
C VAL A 27 14.61 -14.62 -7.35
N GLY A 28 13.54 -15.36 -7.61
CA GLY A 28 12.22 -14.82 -7.40
C GLY A 28 11.81 -14.94 -5.95
N SER A 29 11.06 -13.97 -5.46
CA SER A 29 10.61 -14.00 -4.08
C SER A 29 9.21 -14.60 -4.03
N GLY A 30 8.58 -14.72 -5.18
CA GLY A 30 7.23 -15.24 -5.19
C GLY A 30 6.23 -14.10 -5.12
N THR A 31 4.95 -14.41 -4.96
CA THR A 31 3.93 -13.38 -4.93
C THR A 31 3.23 -13.31 -3.58
N CYS A 32 2.92 -14.48 -3.04
CA CYS A 32 2.26 -14.63 -1.75
C CYS A 32 3.25 -15.18 -0.75
N ARG A 33 2.90 -15.12 0.53
CA ARG A 33 3.77 -15.64 1.57
C ARG A 33 3.82 -17.17 1.45
N GLY A 34 5.01 -17.73 1.63
CA GLY A 34 5.15 -19.17 1.53
C GLY A 34 5.17 -19.71 0.10
N GLN A 35 5.76 -18.95 -0.80
CA GLN A 35 5.85 -19.36 -2.20
C GLN A 35 7.28 -19.44 -2.66
N THR A 36 8.19 -19.29 -1.71
CA THR A 36 9.63 -19.38 -1.98
C THR A 36 9.98 -20.86 -2.08
N THR A 37 10.96 -21.20 -2.92
CA THR A 37 11.37 -22.59 -3.10
C THR A 37 12.63 -22.94 -2.32
N GLU A 38 12.75 -24.22 -1.95
CA GLU A 38 13.89 -24.71 -1.18
C GLU A 38 15.21 -24.29 -1.82
N ARG A 39 15.25 -24.26 -3.15
CA ARG A 39 16.48 -23.87 -3.81
C ARG A 39 16.72 -22.37 -3.64
N ALA A 40 15.65 -21.59 -3.71
CA ALA A 40 15.79 -20.14 -3.54
C ALA A 40 16.35 -19.82 -2.15
N LYS A 41 15.84 -20.48 -1.11
CA LYS A 41 16.30 -20.25 0.24
C LYS A 41 17.76 -20.63 0.41
N GLU A 42 18.17 -21.74 -0.21
CA GLU A 42 19.56 -22.18 -0.10
C GLU A 42 20.46 -21.13 -0.74
N ILE A 43 20.07 -20.67 -1.93
CA ILE A 43 20.84 -19.65 -2.63
C ILE A 43 20.91 -18.42 -1.72
N ILE A 44 19.77 -18.04 -1.17
CA ILE A 44 19.71 -16.86 -0.31
C ILE A 44 20.53 -16.96 0.97
N GLU A 45 20.46 -18.06 1.70
N GLU A 45 20.47 -18.13 1.60
CA GLU A 45 21.24 -18.11 2.91
CA GLU A 45 21.17 -18.48 2.84
C GLU A 45 22.75 -18.18 2.65
C GLU A 45 22.69 -18.42 2.69
N ARG A 46 23.15 -18.65 1.46
CA ARG A 46 24.58 -18.68 1.15
C ARG A 46 25.09 -17.31 0.70
N ALA A 47 24.22 -16.51 0.09
CA ALA A 47 24.62 -15.19 -0.39
C ALA A 47 25.35 -14.35 0.65
N GLU A 48 26.29 -13.53 0.20
CA GLU A 48 27.05 -12.63 1.07
C GLU A 48 26.36 -11.26 1.09
N VAL A 49 25.81 -10.87 -0.06
CA VAL A 49 25.08 -9.62 -0.16
C VAL A 49 23.79 -9.88 -0.95
N ILE A 50 22.69 -9.29 -0.50
CA ILE A 50 21.40 -9.48 -1.15
C ILE A 50 20.82 -8.17 -1.65
N TYR A 51 20.60 -8.05 -2.95
CA TYR A 51 19.98 -6.84 -3.48
C TYR A 51 18.54 -7.13 -3.85
N GLY A 52 17.71 -6.09 -3.80
CA GLY A 52 16.32 -6.23 -4.17
C GLY A 52 15.49 -5.05 -3.69
N SER A 53 14.33 -4.85 -4.30
CA SER A 53 13.41 -3.79 -3.91
C SER A 53 12.86 -4.16 -2.54
N ARG A 54 12.27 -3.15 -1.89
N ARG A 54 12.33 -3.20 -1.77
CA ARG A 54 11.62 -3.22 -0.60
CA ARG A 54 11.85 -3.60 -0.45
C ARG A 54 10.72 -4.45 -0.48
C ARG A 54 10.78 -4.67 -0.52
N ARG A 55 9.81 -4.56 -1.44
CA ARG A 55 8.81 -5.63 -1.53
C ARG A 55 9.45 -6.99 -1.75
N ALA A 56 10.40 -7.07 -2.69
CA ALA A 56 11.05 -8.34 -2.96
C ALA A 56 11.78 -8.85 -1.71
N LEU A 57 12.46 -7.96 -1.00
CA LEU A 57 13.16 -8.38 0.22
C LEU A 57 12.19 -8.77 1.32
N GLU A 58 11.14 -7.98 1.48
CA GLU A 58 10.13 -8.27 2.49
C GLU A 58 9.56 -9.67 2.22
N LEU A 59 9.02 -9.86 1.02
CA LEU A 59 8.44 -11.12 0.61
C LEU A 59 9.32 -12.31 0.91
N ALA A 60 10.59 -12.23 0.54
CA ALA A 60 11.54 -13.31 0.80
C ALA A 60 11.99 -13.39 2.26
N GLY A 61 11.48 -12.48 3.10
CA GLY A 61 11.83 -12.49 4.51
C GLY A 61 13.25 -12.13 4.88
N VAL A 62 13.85 -11.19 4.14
CA VAL A 62 15.23 -10.79 4.41
C VAL A 62 15.43 -9.28 4.41
N VAL A 63 14.34 -8.50 4.40
CA VAL A 63 14.48 -7.05 4.39
C VAL A 63 15.20 -6.52 5.61
N ASP A 64 15.22 -7.32 6.69
CA ASP A 64 15.89 -6.90 7.91
C ASP A 64 17.23 -7.61 8.08
N ASP A 65 17.65 -8.35 7.05
CA ASP A 65 18.93 -9.02 7.12
C ASP A 65 19.98 -7.93 6.97
N SER A 66 21.15 -8.16 7.55
CA SER A 66 22.26 -7.22 7.51
C SER A 66 22.93 -7.25 6.15
N ARG A 67 22.81 -8.39 5.46
CA ARG A 67 23.39 -8.55 4.14
C ARG A 67 22.50 -7.89 3.09
N ALA A 68 21.33 -7.43 3.49
CA ALA A 68 20.39 -6.86 2.53
C ALA A 68 20.52 -5.39 2.17
N ARG A 69 20.52 -5.12 0.87
N ARG A 69 20.59 -5.10 0.87
CA ARG A 69 20.63 -3.77 0.35
CA ARG A 69 20.61 -3.71 0.38
C ARG A 69 19.36 -3.55 -0.49
C ARG A 69 19.36 -3.55 -0.47
N ILE A 70 18.50 -2.63 -0.06
CA ILE A 70 17.28 -2.37 -0.78
C ILE A 70 17.55 -1.51 -2.03
N LEU A 71 17.19 -2.02 -3.20
CA LEU A 71 17.37 -1.30 -4.45
C LEU A 71 16.34 -0.21 -4.65
N ARG A 72 16.80 0.92 -5.20
CA ARG A 72 15.93 2.05 -5.48
C ARG A 72 15.72 2.07 -7.00
N SER A 73 16.82 1.94 -7.71
CA SER A 73 16.83 1.94 -9.17
C SER A 73 17.05 0.53 -9.71
N PHE A 74 16.62 0.30 -10.96
CA PHE A 74 16.79 -0.99 -11.61
C PHE A 74 17.28 -0.85 -13.05
N LYS A 75 17.93 0.27 -13.35
CA LYS A 75 18.44 0.51 -14.70
C LYS A 75 19.76 -0.24 -14.93
N GLY A 76 20.23 -0.21 -16.17
CA GLY A 76 21.46 -0.90 -16.51
C GLY A 76 22.65 -0.66 -15.61
N ASP A 77 23.06 0.60 -15.44
N ASP A 77 22.97 0.63 -15.42
CA ASP A 77 24.24 0.87 -14.60
CA ASP A 77 24.07 1.09 -14.58
C ASP A 77 24.11 0.41 -13.15
C ASP A 77 24.07 0.46 -13.20
N GLU A 78 22.89 0.39 -12.60
CA GLU A 78 22.74 -0.13 -11.25
C GLU A 78 22.94 -1.66 -11.25
N ILE A 79 22.44 -2.34 -12.28
CA ILE A 79 22.61 -3.79 -12.35
C ILE A 79 24.06 -4.13 -12.72
N ARG A 80 24.71 -3.23 -13.46
CA ARG A 80 26.11 -3.46 -13.82
C ARG A 80 26.96 -3.42 -12.56
N ARG A 81 26.68 -2.46 -11.69
CA ARG A 81 27.42 -2.32 -10.43
C ARG A 81 27.31 -3.63 -9.67
N ILE A 82 26.07 -4.01 -9.33
CA ILE A 82 25.78 -5.25 -8.62
C ILE A 82 26.52 -6.41 -9.27
N MSE A 83 26.49 -6.42 -10.59
CA MSE A 83 27.12 -7.46 -11.41
C MSE A 83 28.61 -7.59 -11.09
O MSE A 83 29.08 -8.67 -10.74
CB MSE A 83 26.92 -7.12 -12.88
CG MSE A 83 26.80 -8.31 -13.81
SE MSE A 83 25.29 -8.10 -15.00
CE MSE A 83 23.92 -8.65 -13.78
N GLU A 84 29.34 -6.49 -11.21
CA GLU A 84 30.79 -6.52 -10.95
C GLU A 84 31.11 -6.89 -9.50
N GLU A 85 30.31 -6.41 -8.56
N GLU A 85 30.29 -6.41 -8.58
CA GLU A 85 30.56 -6.73 -7.16
CA GLU A 85 30.47 -6.69 -7.16
C GLU A 85 30.44 -8.22 -6.96
C GLU A 85 30.26 -8.17 -6.89
N GLY A 86 29.77 -8.88 -7.91
CA GLY A 86 29.56 -10.31 -7.81
C GLY A 86 30.78 -11.10 -8.21
N ARG A 87 31.87 -10.40 -8.52
CA ARG A 87 33.10 -11.06 -8.90
C ARG A 87 33.93 -11.29 -7.63
N GLU A 88 33.79 -10.36 -6.68
N GLU A 88 33.79 -10.36 -6.68
CA GLU A 88 34.52 -10.43 -5.44
CA GLU A 88 34.51 -10.42 -5.42
C GLU A 88 33.74 -11.17 -4.35
C GLU A 88 33.74 -11.16 -4.34
N ARG A 89 32.42 -11.05 -4.38
CA ARG A 89 31.56 -11.69 -3.38
C ARG A 89 30.35 -12.42 -3.98
N GLU A 90 29.73 -13.27 -3.17
CA GLU A 90 28.54 -14.01 -3.59
C GLU A 90 27.33 -13.09 -3.49
N VAL A 91 26.78 -12.75 -4.65
CA VAL A 91 25.65 -11.86 -4.73
C VAL A 91 24.37 -12.56 -5.17
N ALA A 92 23.27 -12.09 -4.61
CA ALA A 92 21.95 -12.61 -4.96
C ALA A 92 21.08 -11.38 -5.16
N VAL A 93 20.26 -11.41 -6.20
CA VAL A 93 19.36 -10.33 -6.47
C VAL A 93 18.00 -10.99 -6.41
N ILE A 94 17.11 -10.42 -5.62
CA ILE A 94 15.78 -10.95 -5.47
C ILE A 94 14.83 -10.07 -6.26
N SER A 95 14.03 -10.69 -7.11
CA SER A 95 13.06 -9.97 -7.93
C SER A 95 11.70 -10.33 -7.37
N THR A 96 10.73 -9.42 -7.48
CA THR A 96 9.39 -9.78 -6.99
C THR A 96 8.83 -10.85 -7.91
N GLY A 97 7.99 -11.70 -7.36
CA GLY A 97 7.41 -12.79 -8.11
C GLY A 97 8.43 -13.67 -8.82
N ASP A 98 8.27 -13.76 -10.14
CA ASP A 98 9.12 -14.58 -11.01
C ASP A 98 10.01 -13.59 -11.76
N PRO A 99 11.34 -13.84 -11.79
CA PRO A 99 12.33 -12.99 -12.45
C PRO A 99 12.16 -12.81 -13.96
N MSE A 100 11.66 -13.84 -14.63
CA MSE A 100 11.48 -13.77 -16.08
C MSE A 100 10.04 -13.41 -16.51
O MSE A 100 9.53 -13.92 -17.49
CB MSE A 100 11.93 -15.08 -16.71
CG MSE A 100 13.46 -15.28 -16.78
SE MSE A 100 14.39 -13.89 -17.83
CE MSE A 100 15.04 -12.87 -16.32
N VAL A 101 9.38 -12.57 -15.71
CA VAL A 101 8.06 -12.07 -16.04
C VAL A 101 8.16 -10.55 -15.82
N ALA A 102 8.21 -9.79 -16.91
CA ALA A 102 8.32 -8.34 -16.83
C ALA A 102 9.49 -8.04 -15.91
N GLY A 103 10.54 -8.82 -16.04
CA GLY A 103 11.69 -8.64 -15.17
C GLY A 103 12.87 -7.90 -15.76
N LEU A 104 14.04 -8.34 -15.38
CA LEU A 104 15.29 -7.74 -15.80
C LEU A 104 15.81 -8.22 -17.15
N GLY A 105 15.17 -9.24 -17.72
CA GLY A 105 15.62 -9.77 -19.00
C GLY A 105 16.14 -8.76 -19.99
N ARG A 106 15.31 -7.77 -20.31
CA ARG A 106 15.64 -6.73 -21.26
C ARG A 106 16.96 -6.00 -21.00
N VAL A 107 17.10 -5.40 -19.83
CA VAL A 107 18.36 -4.69 -19.59
C VAL A 107 19.54 -5.65 -19.50
N LEU A 108 19.30 -6.89 -19.09
CA LEU A 108 20.39 -7.86 -19.03
C LEU A 108 20.99 -8.02 -20.43
N ARG A 109 20.15 -8.10 -21.45
CA ARG A 109 20.63 -8.23 -22.82
C ARG A 109 21.49 -7.05 -23.24
N GLU A 110 21.35 -5.93 -22.56
CA GLU A 110 22.15 -4.73 -22.87
C GLU A 110 23.45 -4.66 -22.09
N ILE A 111 23.76 -5.68 -21.31
CA ILE A 111 24.98 -5.64 -20.52
C ILE A 111 26.06 -6.58 -21.06
N ALA A 112 27.27 -6.05 -21.20
CA ALA A 112 28.40 -6.84 -21.68
C ALA A 112 28.76 -7.81 -20.58
N GLU A 113 28.29 -9.04 -20.76
CA GLU A 113 28.41 -10.14 -19.82
C GLU A 113 29.78 -10.72 -19.48
N ASP A 114 30.37 -10.30 -18.38
CA ASP A 114 31.65 -10.90 -17.96
C ASP A 114 31.26 -11.97 -16.93
N VAL A 115 30.66 -11.52 -15.82
CA VAL A 115 30.19 -12.41 -14.79
C VAL A 115 28.93 -13.12 -15.33
N GLU A 116 28.77 -14.39 -14.97
CA GLU A 116 27.64 -15.16 -15.43
C GLU A 116 26.40 -14.91 -14.55
N ILE A 117 25.22 -15.06 -15.11
CA ILE A 117 24.04 -14.87 -14.30
C ILE A 117 23.12 -16.10 -14.45
N LYS A 118 22.59 -16.54 -13.32
CA LYS A 118 21.67 -17.68 -13.27
C LYS A 118 20.35 -17.25 -12.63
N ILE A 119 19.25 -17.72 -13.22
CA ILE A 119 17.92 -17.37 -12.76
C ILE A 119 17.24 -18.49 -11.98
N GLU A 120 16.66 -18.16 -10.84
CA GLU A 120 15.90 -19.13 -10.07
C GLU A 120 14.45 -18.65 -10.10
N PRO A 121 13.55 -19.42 -10.73
CA PRO A 121 12.11 -19.13 -10.87
C PRO A 121 11.34 -19.07 -9.57
N ALA A 122 10.24 -18.33 -9.55
CA ALA A 122 9.36 -18.27 -8.39
C ALA A 122 7.95 -18.09 -8.94
N ILE A 123 6.95 -18.06 -8.07
CA ILE A 123 5.57 -17.90 -8.52
C ILE A 123 5.22 -16.45 -8.82
N SER A 124 4.75 -16.20 -10.04
CA SER A 124 4.42 -14.85 -10.48
C SER A 124 2.99 -14.45 -10.26
N SER A 125 2.73 -13.15 -10.34
CA SER A 125 1.39 -12.64 -10.15
C SER A 125 0.57 -13.17 -11.33
N VAL A 126 1.26 -13.45 -12.43
CA VAL A 126 0.60 -14.02 -13.58
C VAL A 126 0.03 -15.38 -13.23
N GLN A 127 0.81 -16.21 -12.55
CA GLN A 127 0.33 -17.52 -12.15
C GLN A 127 -0.81 -17.45 -11.15
N VAL A 128 -0.69 -16.53 -10.20
CA VAL A 128 -1.74 -16.39 -9.20
C VAL A 128 -3.05 -15.97 -9.88
N ALA A 129 -2.99 -15.03 -10.82
CA ALA A 129 -4.19 -14.58 -11.54
C ALA A 129 -4.81 -15.71 -12.36
N LEU A 130 -3.98 -16.45 -13.08
CA LEU A 130 -4.43 -17.57 -13.89
C LEU A 130 -5.10 -18.60 -13.01
N ALA A 131 -4.59 -18.78 -11.81
CA ALA A 131 -5.18 -19.74 -10.89
C ALA A 131 -6.54 -19.26 -10.40
N ARG A 132 -6.70 -17.95 -10.21
CA ARG A 132 -8.00 -17.41 -9.76
C ARG A 132 -9.05 -17.57 -10.87
N LEU A 133 -8.63 -17.35 -12.10
CA LEU A 133 -9.50 -17.40 -13.28
C LEU A 133 -9.73 -18.78 -13.86
N LYS A 134 -8.92 -19.75 -13.45
CA LYS A 134 -9.02 -21.12 -13.99
C LYS A 134 -8.71 -21.07 -15.50
N VAL A 135 -7.72 -20.26 -15.87
CA VAL A 135 -7.33 -20.14 -17.28
C VAL A 135 -5.91 -20.64 -17.49
N ASP A 136 -5.68 -21.36 -18.58
N ASP A 136 -5.69 -21.32 -18.61
CA ASP A 136 -4.36 -21.91 -18.87
CA ASP A 136 -4.38 -21.88 -18.96
C ASP A 136 -3.45 -20.85 -19.50
C ASP A 136 -3.43 -20.84 -19.55
N LEU A 137 -2.16 -20.94 -19.18
CA LEU A 137 -1.14 -20.01 -19.71
C LEU A 137 -1.09 -20.16 -21.24
N SER A 138 -1.37 -21.35 -21.75
CA SER A 138 -1.31 -21.55 -23.21
C SER A 138 -2.53 -20.97 -23.93
N GLU A 139 -3.40 -20.33 -23.17
CA GLU A 139 -4.61 -19.71 -23.71
C GLU A 139 -4.52 -18.21 -23.72
N VAL A 140 -3.41 -17.66 -23.24
CA VAL A 140 -3.27 -16.22 -23.18
C VAL A 140 -1.94 -15.70 -23.72
N ALA A 141 -1.83 -14.38 -23.77
CA ALA A 141 -0.62 -13.69 -24.18
C ALA A 141 -0.37 -12.72 -23.02
N VAL A 142 0.75 -12.87 -22.36
CA VAL A 142 1.12 -12.00 -21.25
C VAL A 142 1.70 -10.74 -21.86
N VAL A 143 1.18 -9.58 -21.46
CA VAL A 143 1.62 -8.29 -21.96
C VAL A 143 2.21 -7.44 -20.84
N ASP A 144 3.36 -6.82 -21.09
CA ASP A 144 3.99 -5.99 -20.07
C ASP A 144 3.50 -4.55 -20.25
N CYS A 145 2.46 -4.22 -19.48
CA CYS A 145 1.75 -2.94 -19.47
C CYS A 145 1.00 -2.57 -20.75
N PHE A 150 0.87 -2.14 -27.39
CA PHE A 150 0.93 -1.71 -28.78
C PHE A 150 -0.43 -1.55 -29.44
N ASP A 151 -0.37 -1.16 -30.70
CA ASP A 151 -1.55 -0.99 -31.53
C ASP A 151 -1.98 -2.39 -31.95
N ALA A 152 -1.06 -3.12 -32.58
CA ALA A 152 -1.33 -4.48 -33.05
C ALA A 152 -1.50 -5.50 -31.92
N GLU A 153 -1.00 -5.18 -30.74
CA GLU A 153 -1.11 -6.07 -29.59
C GLU A 153 -2.56 -6.19 -29.15
N LEU A 154 -3.43 -5.37 -29.73
CA LEU A 154 -4.84 -5.41 -29.37
C LEU A 154 -5.56 -6.39 -30.27
N THR A 155 -6.02 -5.91 -31.41
CA THR A 155 -6.75 -6.74 -32.36
C THR A 155 -5.99 -8.01 -32.74
N GLU A 156 -4.68 -7.91 -32.96
CA GLU A 156 -3.91 -9.10 -33.34
C GLU A 156 -3.96 -10.20 -32.30
N LEU A 157 -3.26 -9.99 -31.19
CA LEU A 157 -3.22 -11.00 -30.14
C LEU A 157 -4.63 -11.45 -29.76
N LEU A 158 -5.54 -10.51 -29.57
CA LEU A 158 -6.91 -10.84 -29.20
C LEU A 158 -7.62 -11.71 -30.22
N LYS A 159 -7.00 -11.88 -31.37
CA LYS A 159 -7.58 -12.72 -32.40
C LYS A 159 -7.33 -14.18 -32.04
N TYR A 160 -6.22 -14.46 -31.36
CA TYR A 160 -5.93 -15.85 -31.01
C TYR A 160 -5.70 -16.12 -29.52
N ARG A 161 -5.76 -15.08 -28.69
CA ARG A 161 -5.49 -15.26 -27.27
C ARG A 161 -6.19 -14.26 -26.39
N HIS A 162 -6.42 -14.64 -25.15
CA HIS A 162 -6.95 -13.69 -24.18
C HIS A 162 -5.68 -12.90 -23.86
N LEU A 163 -5.84 -11.72 -23.31
CA LEU A 163 -4.69 -10.95 -22.91
C LEU A 163 -4.63 -10.92 -21.38
N LEU A 164 -3.43 -11.04 -20.84
CA LEU A 164 -3.22 -10.95 -19.41
C LEU A 164 -2.18 -9.82 -19.37
N ILE A 165 -2.64 -8.62 -19.02
CA ILE A 165 -1.78 -7.46 -19.00
C ILE A 165 -1.26 -7.09 -17.62
N LEU A 166 0.04 -6.98 -17.47
CA LEU A 166 0.59 -6.58 -16.19
C LEU A 166 0.54 -5.06 -16.24
N ALA A 167 -0.38 -4.45 -15.48
CA ALA A 167 -0.50 -3.01 -15.53
C ALA A 167 -0.32 -2.31 -14.20
N ASP A 168 -0.19 -1.00 -14.27
CA ASP A 168 -0.08 -0.20 -13.06
C ASP A 168 -1.22 0.80 -13.25
N SER A 169 -1.42 1.69 -12.30
CA SER A 169 -2.52 2.66 -12.32
C SER A 169 -2.55 3.60 -13.52
N HIS A 170 -1.46 3.67 -14.27
CA HIS A 170 -1.42 4.57 -15.42
C HIS A 170 -1.72 3.89 -16.76
N PHE A 171 -2.15 2.63 -16.73
CA PHE A 171 -2.46 1.95 -17.98
C PHE A 171 -3.62 2.66 -18.66
N PRO A 172 -3.45 3.03 -19.95
CA PRO A 172 -4.50 3.73 -20.69
C PRO A 172 -5.64 2.79 -21.14
N LEU A 173 -6.68 2.67 -20.31
CA LEU A 173 -7.81 1.80 -20.62
C LEU A 173 -8.50 2.11 -21.95
N GLU A 174 -8.25 3.32 -22.45
N GLU A 174 -8.45 3.36 -22.38
CA GLU A 174 -8.80 3.83 -23.72
CA GLU A 174 -9.12 3.73 -23.62
C GLU A 174 -8.72 2.89 -24.91
C GLU A 174 -8.48 2.97 -24.78
N ARG A 175 -7.53 2.73 -25.48
N ARG A 175 -7.25 2.50 -24.57
CA ARG A 175 -7.32 1.86 -26.65
CA ARG A 175 -6.54 1.71 -25.57
C ARG A 175 -7.83 0.44 -26.42
C ARG A 175 -7.09 0.30 -25.40
N LEU A 176 -8.41 0.19 -25.25
CA LEU A 176 -9.00 -1.11 -24.99
C LEU A 176 -10.50 -1.10 -25.32
N GLY A 177 -11.03 0.08 -25.67
CA GLY A 177 -12.43 0.20 -26.05
C GLY A 177 -13.57 -0.07 -25.06
N LYS A 178 -14.57 -0.81 -25.51
CA LYS A 178 -15.71 -1.11 -24.66
C LYS A 178 -15.63 -2.58 -24.22
N ARG A 179 -14.44 -3.13 -24.30
CA ARG A 179 -14.20 -4.52 -23.96
C ARG A 179 -14.37 -4.84 -22.48
N ARG A 180 -14.96 -5.99 -22.21
CA ARG A 180 -15.12 -6.42 -20.84
C ARG A 180 -13.73 -6.75 -20.31
N VAL A 181 -13.41 -6.28 -19.12
CA VAL A 181 -12.12 -6.58 -18.55
C VAL A 181 -12.31 -7.03 -17.11
N VAL A 182 -11.36 -7.84 -16.63
CA VAL A 182 -11.38 -8.30 -15.26
C VAL A 182 -10.08 -7.75 -14.67
N LEU A 183 -10.19 -7.04 -13.55
CA LEU A 183 -9.05 -6.44 -12.87
C LEU A 183 -8.72 -7.26 -11.64
N LEU A 184 -7.49 -7.80 -11.58
CA LEU A 184 -7.07 -8.54 -10.41
C LEU A 184 -6.05 -7.64 -9.73
N GLU A 185 -6.47 -7.03 -8.62
CA GLU A 185 -5.66 -6.09 -7.88
C GLU A 185 -5.08 -6.60 -6.58
N ASN A 186 -3.81 -6.28 -6.40
CA ASN A 186 -3.11 -6.63 -5.17
C ASN A 186 -3.28 -8.10 -4.77
N LEU A 187 -3.08 -9.01 -5.72
CA LEU A 187 -3.23 -10.42 -5.43
C LEU A 187 -2.37 -10.79 -4.22
N CYS A 188 -2.99 -11.48 -3.27
CA CYS A 188 -2.31 -11.91 -2.06
C CYS A 188 -1.81 -10.81 -1.15
N MSE A 189 -2.36 -9.61 -1.29
CA MSE A 189 -1.97 -8.50 -0.44
C MSE A 189 -3.21 -8.07 0.36
O MSE A 189 -4.33 -8.43 0.01
CB MSE A 189 -1.45 -7.33 -1.26
CG MSE A 189 -0.23 -7.67 -2.13
SE MSE A 189 0.24 -6.24 -3.35
CE MSE A 189 1.55 -7.15 -4.36
N GLU A 190 -2.99 -7.28 1.40
N GLU A 190 -3.00 -7.26 1.41
CA GLU A 190 -4.08 -6.81 2.23
CA GLU A 190 -4.07 -6.78 2.29
C GLU A 190 -5.30 -6.34 1.43
C GLU A 190 -5.28 -6.16 1.56
N GLY A 191 -5.04 -5.52 0.42
CA GLY A 191 -6.13 -4.94 -0.34
C GLY A 191 -6.53 -5.66 -1.61
N GLU A 192 -6.36 -6.98 -1.64
CA GLU A 192 -6.73 -7.77 -2.81
C GLU A 192 -8.18 -7.58 -3.24
N ARG A 193 -8.38 -7.30 -4.52
CA ARG A 193 -9.71 -7.11 -5.09
C ARG A 193 -9.80 -7.66 -6.49
N ILE A 194 -10.95 -8.21 -6.84
CA ILE A 194 -11.16 -8.67 -8.21
C ILE A 194 -12.39 -7.91 -8.67
N ARG A 195 -12.27 -7.15 -9.75
CA ARG A 195 -13.39 -6.36 -10.24
C ARG A 195 -13.69 -6.68 -11.69
N GLU A 196 -14.93 -6.41 -12.08
N GLU A 196 -14.92 -6.45 -12.12
CA GLU A 196 -15.43 -6.66 -13.43
CA GLU A 196 -15.29 -6.70 -13.51
C GLU A 196 -15.94 -5.36 -14.03
C GLU A 196 -16.07 -5.52 -14.07
N GLY A 197 -15.91 -5.27 -15.36
CA GLY A 197 -16.51 -4.11 -15.99
C GLY A 197 -15.99 -3.87 -17.38
N ASN A 198 -16.34 -2.72 -17.93
CA ASN A 198 -15.92 -2.36 -19.27
C ASN A 198 -14.81 -1.32 -19.25
N ALA A 199 -13.78 -1.52 -20.06
CA ALA A 199 -12.64 -0.62 -20.09
C ALA A 199 -13.01 0.86 -20.09
N ASP A 200 -14.13 1.19 -20.73
CA ASP A 200 -14.57 2.59 -20.82
C ASP A 200 -15.25 3.13 -19.57
N SER A 201 -15.74 2.25 -18.71
CA SER A 201 -16.44 2.72 -17.51
C SER A 201 -15.92 2.18 -16.17
N ILE A 202 -14.69 1.70 -16.14
CA ILE A 202 -14.11 1.21 -14.90
C ILE A 202 -12.81 1.99 -14.68
N GLU A 203 -12.52 2.34 -13.44
CA GLU A 203 -11.30 3.08 -13.14
C GLU A 203 -10.24 2.22 -12.47
N LEU A 204 -8.98 2.43 -12.86
CA LEU A 204 -7.88 1.71 -12.25
C LEU A 204 -7.50 2.49 -11.01
N GLU A 205 -6.94 1.80 -10.02
CA GLU A 205 -6.53 2.48 -8.80
C GLU A 205 -5.30 1.89 -8.16
N SER A 206 -4.89 0.70 -8.60
CA SER A 206 -3.71 0.08 -8.00
C SER A 206 -2.58 -0.12 -9.00
N ASP A 207 -1.35 0.04 -8.55
CA ASP A 207 -0.20 -0.20 -9.44
C ASP A 207 0.11 -1.68 -9.58
N TYR A 208 -0.61 -2.51 -8.82
CA TYR A 208 -0.45 -3.95 -8.91
C TYR A 208 -1.74 -4.48 -9.49
N THR A 209 -1.94 -4.23 -10.79
CA THR A 209 -3.17 -4.64 -11.45
C THR A 209 -2.96 -5.55 -12.64
N ILE A 210 -3.59 -6.71 -12.62
CA ILE A 210 -3.47 -7.56 -13.78
C ILE A 210 -4.81 -7.41 -14.48
N ILE A 211 -4.76 -7.16 -15.77
CA ILE A 211 -5.98 -6.92 -16.55
C ILE A 211 -6.27 -8.10 -17.48
N PHE A 212 -7.34 -8.84 -17.21
CA PHE A 212 -7.68 -9.98 -18.04
C PHE A 212 -8.69 -9.57 -19.12
N VAL A 213 -8.32 -9.78 -20.39
CA VAL A 213 -9.19 -9.46 -21.52
C VAL A 213 -9.44 -10.75 -22.34
N GLU A 214 -10.65 -11.29 -22.26
CA GLU A 214 -10.98 -12.51 -23.00
C GLU A 214 -10.88 -12.28 -24.49
N ARG A 215 -10.42 -13.29 -25.22
CA ARG A 215 -10.28 -13.15 -26.65
C ARG A 215 -11.63 -12.90 -27.31
N GLU A 216 -11.65 -11.97 -28.25
CA GLU A 216 -12.85 -11.65 -29.00
C GLU A 216 -12.96 -12.78 -30.02
N VAL A 217 -13.69 -13.82 -29.61
CA VAL A 217 -13.87 -15.05 -30.37
C VAL A 217 -15.12 -15.14 -31.24
N GLY B 21 16.83 11.80 1.11
CA GLY B 21 16.96 12.08 -0.36
C GLY B 21 15.63 12.22 -1.06
N HIS B 22 15.14 11.11 -1.62
CA HIS B 22 13.86 11.11 -2.32
C HIS B 22 12.82 10.49 -1.39
N MSE B 23 12.34 11.27 -0.44
CA MSE B 23 11.39 10.75 0.52
C MSE B 23 10.50 11.84 1.09
O MSE B 23 10.85 13.01 1.10
CB MSE B 23 12.14 10.11 1.67
CG MSE B 23 12.95 11.12 2.43
SE MSE B 23 12.45 11.20 4.26
CE MSE B 23 13.91 10.13 4.98
N ILE B 24 9.33 11.42 1.55
CA ILE B 24 8.39 12.33 2.19
C ILE B 24 8.02 11.78 3.55
N TRP B 25 7.52 12.65 4.41
CA TRP B 25 7.07 12.25 5.73
C TRP B 25 5.56 12.39 5.78
N ILE B 26 4.93 11.50 6.54
CA ILE B 26 3.50 11.60 6.78
C ILE B 26 3.54 11.76 8.28
N VAL B 27 3.10 12.93 8.75
CA VAL B 27 3.13 13.24 10.16
C VAL B 27 1.74 13.50 10.72
N GLY B 28 1.52 13.06 11.96
CA GLY B 28 0.23 13.27 12.59
C GLY B 28 0.12 14.65 13.20
N SER B 29 -1.06 15.22 13.13
CA SER B 29 -1.30 16.54 13.72
C SER B 29 -1.79 16.36 15.14
N GLY B 30 -2.23 15.17 15.48
CA GLY B 30 -2.77 14.98 16.81
C GLY B 30 -4.28 15.24 16.79
N THR B 31 -4.88 15.15 17.96
CA THR B 31 -6.32 15.29 18.10
C THR B 31 -6.77 16.56 18.80
N CYS B 32 -6.12 16.86 19.91
CA CYS B 32 -6.40 18.06 20.70
C CYS B 32 -5.26 19.04 20.50
N ARG B 33 -5.49 20.29 20.85
CA ARG B 33 -4.45 21.32 20.74
C ARG B 33 -3.33 20.92 21.70
N GLY B 34 -2.09 21.01 21.25
CA GLY B 34 -0.97 20.67 22.11
C GLY B 34 -0.67 19.17 22.17
N GLN B 35 -0.79 18.51 21.02
CA GLN B 35 -0.52 17.08 20.95
C GLN B 35 0.44 16.82 19.82
N THR B 36 1.15 17.86 19.41
CA THR B 36 2.17 17.74 18.39
C THR B 36 3.41 17.34 19.16
N THR B 37 4.26 16.54 18.54
CA THR B 37 5.49 16.11 19.16
C THR B 37 6.64 16.97 18.65
N GLU B 38 7.70 17.03 19.45
N GLU B 38 7.69 17.12 19.45
CA GLU B 38 8.91 17.79 19.16
CA GLU B 38 8.79 17.97 18.99
C GLU B 38 9.48 17.46 17.80
C GLU B 38 9.40 17.50 17.68
N ARG B 39 9.37 16.20 17.39
CA ARG B 39 9.90 15.75 16.11
C ARG B 39 8.96 16.13 14.97
N ALA B 40 7.66 16.06 15.22
CA ALA B 40 6.70 16.43 14.19
C ALA B 40 6.98 17.89 13.78
N LYS B 41 7.30 18.73 14.76
CA LYS B 41 7.57 20.13 14.52
C LYS B 41 8.83 20.37 13.70
N GLU B 42 9.92 19.69 14.06
CA GLU B 42 11.18 19.87 13.33
C GLU B 42 10.89 19.56 11.87
N ILE B 43 10.28 18.41 11.63
CA ILE B 43 9.93 17.96 10.29
C ILE B 43 9.07 18.98 9.55
N ILE B 44 8.08 19.54 10.22
CA ILE B 44 7.21 20.54 9.59
C ILE B 44 8.00 21.80 9.26
N GLU B 45 8.95 22.15 10.12
CA GLU B 45 9.78 23.34 9.88
C GLU B 45 10.68 23.14 8.67
N ARG B 46 11.34 21.99 8.59
N ARG B 46 11.32 21.97 8.59
CA ARG B 46 12.24 21.76 7.48
CA ARG B 46 12.21 21.64 7.48
C ARG B 46 11.58 21.36 6.15
C ARG B 46 11.52 21.60 6.13
N ALA B 47 10.26 21.22 6.16
CA ALA B 47 9.50 20.98 4.94
C ALA B 47 9.44 22.20 4.01
N GLU B 48 9.52 21.95 2.71
CA GLU B 48 9.45 23.01 1.69
C GLU B 48 7.99 23.21 1.30
N VAL B 49 7.21 22.12 1.34
CA VAL B 49 5.79 22.16 1.04
C VAL B 49 5.06 21.21 1.99
N ILE B 50 3.86 21.61 2.42
CA ILE B 50 3.07 20.81 3.35
C ILE B 50 1.67 20.55 2.81
N TYR B 51 1.30 19.28 2.69
CA TYR B 51 -0.03 18.94 2.23
C TYR B 51 -0.86 18.38 3.37
N GLY B 52 -2.15 18.66 3.35
CA GLY B 52 -3.04 18.12 4.37
C GLY B 52 -4.45 18.68 4.25
N SER B 53 -5.42 17.94 4.80
CA SER B 53 -6.79 18.43 4.83
C SER B 53 -6.75 19.72 5.65
N ARG B 54 -7.78 20.55 5.55
CA ARG B 54 -7.78 21.79 6.31
C ARG B 54 -7.62 21.56 7.80
N ARG B 55 -8.42 20.67 8.38
CA ARG B 55 -8.31 20.46 9.83
C ARG B 55 -6.97 19.88 10.26
N ALA B 56 -6.36 19.03 9.43
CA ALA B 56 -5.04 18.51 9.80
C ALA B 56 -4.08 19.71 9.86
N LEU B 57 -4.17 20.61 8.87
CA LEU B 57 -3.32 21.80 8.84
C LEU B 57 -3.64 22.73 10.00
N GLU B 58 -4.92 22.91 10.28
CA GLU B 58 -5.32 23.76 11.40
C GLU B 58 -4.71 23.22 12.69
N LEU B 59 -5.05 21.98 13.03
CA LEU B 59 -4.53 21.35 14.23
C LEU B 59 -3.01 21.54 14.39
N ALA B 60 -2.27 21.33 13.31
CA ALA B 60 -0.81 21.48 13.33
C ALA B 60 -0.37 22.94 13.30
N GLY B 61 -1.33 23.86 13.24
CA GLY B 61 -1.00 25.28 13.21
C GLY B 61 -0.23 25.79 12.01
N VAL B 62 -0.54 25.26 10.82
CA VAL B 62 0.12 25.72 9.60
C VAL B 62 -0.87 25.92 8.47
N VAL B 63 -2.17 25.96 8.78
CA VAL B 63 -3.15 26.14 7.73
C VAL B 63 -2.99 27.46 6.98
N ASP B 64 -2.37 28.45 7.64
CA ASP B 64 -2.14 29.77 7.03
C ASP B 64 -0.69 29.93 6.56
N ASP B 65 0.09 28.86 6.64
CA ASP B 65 1.47 28.90 6.21
C ASP B 65 1.42 29.02 4.68
N SER B 66 2.47 29.60 4.10
CA SER B 66 2.58 29.81 2.66
C SER B 66 2.97 28.51 1.97
N ARG B 67 3.68 27.66 2.71
CA ARG B 67 4.11 26.36 2.19
C ARG B 67 2.97 25.36 2.19
N ALA B 68 1.88 25.70 2.85
CA ALA B 68 0.78 24.76 2.96
C ALA B 68 -0.20 24.67 1.79
N ARG B 69 -0.63 23.46 1.49
N ARG B 69 -0.61 23.45 1.47
CA ARG B 69 -1.60 23.22 0.44
CA ARG B 69 -1.56 23.19 0.39
C ARG B 69 -2.68 22.34 1.05
C ARG B 69 -2.69 22.33 0.99
N ILE B 70 -3.89 22.87 1.09
CA ILE B 70 -5.02 22.16 1.66
C ILE B 70 -5.56 21.04 0.75
N LEU B 71 -5.20 19.82 1.10
CA LEU B 71 -5.61 18.61 0.37
C LEU B 71 -7.11 18.39 0.48
N ARG B 72 -7.74 18.03 -0.64
CA ARG B 72 -9.19 17.81 -0.66
C ARG B 72 -9.59 16.35 -0.87
N SER B 73 -8.80 15.64 -1.67
CA SER B 73 -9.06 14.21 -1.92
C SER B 73 -7.87 13.45 -1.35
N PHE B 74 -8.03 12.16 -1.11
CA PHE B 74 -6.94 11.36 -0.55
C PHE B 74 -6.72 10.02 -1.25
N LYS B 75 -7.22 9.88 -2.48
CA LYS B 75 -7.02 8.64 -3.20
C LYS B 75 -5.66 8.57 -3.87
N GLY B 76 -5.25 7.35 -4.17
CA GLY B 76 -3.96 7.08 -4.78
C GLY B 76 -3.35 8.07 -5.75
N ASP B 77 -4.08 8.41 -6.81
N ASP B 77 -4.08 8.41 -6.80
CA ASP B 77 -3.58 9.33 -7.83
CA ASP B 77 -3.60 9.35 -7.80
C ASP B 77 -3.32 10.78 -7.35
C ASP B 77 -3.11 10.67 -7.18
N GLU B 78 -3.84 11.12 -6.17
CA GLU B 78 -3.54 12.41 -5.56
C GLU B 78 -2.31 12.24 -4.66
N ILE B 79 -2.18 11.09 -4.03
CA ILE B 79 -1.04 10.83 -3.15
C ILE B 79 0.18 10.51 -4.02
N ARG B 80 -0.06 10.01 -5.23
CA ARG B 80 1.03 9.70 -6.15
C ARG B 80 1.72 10.98 -6.58
N ARG B 81 0.94 12.03 -6.84
N ARG B 81 0.91 12.00 -6.80
CA ARG B 81 1.51 13.30 -7.27
CA ARG B 81 1.42 13.30 -7.21
C ARG B 81 2.30 14.00 -6.16
C ARG B 81 2.36 13.84 -6.14
N ILE B 82 1.88 13.84 -4.91
CA ILE B 82 2.63 14.38 -3.78
C ILE B 82 3.93 13.58 -3.65
N MSE B 83 3.82 12.29 -3.95
CA MSE B 83 4.94 11.37 -3.88
C MSE B 83 6.07 11.79 -4.82
O MSE B 83 7.20 12.00 -4.39
CB MSE B 83 4.46 9.96 -4.22
CG MSE B 83 5.16 8.83 -3.47
SE MSE B 83 3.90 7.68 -2.56
CE MSE B 83 3.39 8.90 -1.15
N GLU B 84 5.77 11.92 -6.11
CA GLU B 84 6.78 12.31 -7.08
C GLU B 84 7.22 13.76 -6.90
N GLU B 85 6.35 14.57 -6.30
CA GLU B 85 6.70 15.97 -6.06
C GLU B 85 7.81 15.97 -5.01
N GLY B 86 7.82 14.92 -4.19
CA GLY B 86 8.82 14.77 -3.16
C GLY B 86 10.19 14.35 -3.68
N ARG B 87 10.37 14.44 -4.99
CA ARG B 87 11.65 14.10 -5.61
C ARG B 87 12.36 15.44 -5.80
N GLU B 88 11.51 16.42 -6.14
N GLU B 88 11.63 16.51 -6.08
CA GLU B 88 11.85 17.82 -6.46
CA GLU B 88 12.35 17.76 -6.23
C GLU B 88 11.82 18.83 -5.30
C GLU B 88 12.37 18.57 -4.94
N ARG B 89 11.31 18.41 -4.14
CA ARG B 89 11.21 19.21 -2.92
C ARG B 89 11.00 18.38 -1.66
N GLU B 90 11.29 18.98 -0.51
CA GLU B 90 11.09 18.34 0.79
C GLU B 90 9.62 18.46 1.14
N VAL B 91 8.89 17.38 0.94
CA VAL B 91 7.46 17.33 1.19
C VAL B 91 7.07 16.64 2.49
N ALA B 92 6.04 17.18 3.13
CA ALA B 92 5.51 16.58 4.35
C ALA B 92 4.01 16.52 4.17
N VAL B 93 3.40 15.47 4.70
CA VAL B 93 1.97 15.30 4.61
C VAL B 93 1.50 15.16 6.04
N ILE B 94 0.53 15.96 6.40
CA ILE B 94 -0.03 15.95 7.73
C ILE B 94 -1.38 15.27 7.69
N SER B 95 -1.53 14.24 8.51
CA SER B 95 -2.76 13.49 8.62
C SER B 95 -3.37 13.87 9.96
N THR B 96 -4.70 13.89 10.06
CA THR B 96 -5.31 14.21 11.35
C THR B 96 -5.00 13.07 12.31
N GLY B 97 -4.90 13.40 13.59
CA GLY B 97 -4.60 12.39 14.58
C GLY B 97 -3.29 11.65 14.31
N ASP B 98 -3.36 10.33 14.36
CA ASP B 98 -2.23 9.43 14.13
C ASP B 98 -2.40 8.95 12.68
N PRO B 99 -1.32 8.99 11.87
CA PRO B 99 -1.37 8.57 10.47
C PRO B 99 -1.74 7.10 10.26
N MSE B 100 -1.32 6.23 11.16
CA MSE B 100 -1.61 4.81 11.02
C MSE B 100 -2.89 4.32 11.71
O MSE B 100 -2.97 3.18 12.14
CB MSE B 100 -0.41 4.00 11.47
CG MSE B 100 0.77 4.01 10.46
SE MSE B 100 0.25 3.22 8.73
CE MSE B 100 -0.01 4.87 7.77
N VAL B 101 -3.88 5.23 11.85
CA VAL B 101 -5.19 4.90 12.42
C VAL B 101 -6.24 5.40 11.40
N ALA B 102 -6.83 4.46 10.66
CA ALA B 102 -7.80 4.76 9.60
C ALA B 102 -7.20 5.81 8.67
N GLY B 103 -5.94 5.62 8.33
CA GLY B 103 -5.26 6.58 7.49
C GLY B 103 -4.96 6.16 6.06
N LEU B 104 -3.82 6.60 5.56
CA LEU B 104 -3.42 6.32 4.19
C LEU B 104 -2.76 4.95 3.99
N GLY B 105 -2.68 4.14 5.03
CA GLY B 105 -2.06 2.84 4.90
C GLY B 105 -2.51 2.01 3.71
N ARG B 106 -3.83 1.89 3.57
N ARG B 106 -3.82 1.83 3.56
CA ARG B 106 -4.45 1.13 2.50
CA ARG B 106 -4.33 1.02 2.46
C ARG B 106 -3.95 1.53 1.12
C ARG B 106 -3.92 1.52 1.08
N VAL B 107 -4.13 2.80 0.79
CA VAL B 107 -3.74 3.32 -0.52
C VAL B 107 -2.23 3.27 -0.79
N LEU B 108 -1.41 3.51 0.25
CA LEU B 108 0.04 3.47 0.07
C LEU B 108 0.47 2.10 -0.45
N ARG B 109 -0.15 1.04 0.07
CA ARG B 109 0.22 -0.30 -0.36
C ARG B 109 -0.16 -0.55 -1.83
N GLU B 110 -0.91 0.38 -2.42
CA GLU B 110 -1.32 0.29 -3.83
C GLU B 110 -0.45 1.12 -4.74
N ILE B 111 0.60 1.73 -4.19
CA ILE B 111 1.47 2.60 -4.98
C ILE B 111 2.88 2.03 -5.19
N ALA B 112 3.34 2.01 -6.44
CA ALA B 112 4.68 1.51 -6.77
C ALA B 112 5.62 2.63 -6.36
N GLU B 113 6.44 2.34 -5.36
CA GLU B 113 7.33 3.32 -4.74
C GLU B 113 8.72 3.66 -5.25
N ASP B 114 8.87 4.87 -5.76
CA ASP B 114 10.18 5.34 -6.17
C ASP B 114 10.62 6.22 -5.01
N VAL B 115 9.63 6.74 -4.28
CA VAL B 115 9.91 7.60 -3.15
C VAL B 115 9.74 6.84 -1.83
N GLU B 116 10.59 7.15 -0.87
CA GLU B 116 10.52 6.50 0.42
C GLU B 116 9.48 7.22 1.28
N ILE B 117 8.84 6.50 2.19
CA ILE B 117 7.85 7.10 3.06
C ILE B 117 8.12 6.80 4.51
N LYS B 118 8.21 7.85 5.32
CA LYS B 118 8.43 7.69 6.74
C LYS B 118 7.21 8.24 7.47
N ILE B 119 6.86 7.57 8.57
N ILE B 119 6.80 7.56 8.54
CA ILE B 119 5.72 7.95 9.36
CA ILE B 119 5.61 7.98 9.29
C ILE B 119 6.12 8.47 10.73
C ILE B 119 5.96 8.40 10.73
N GLU B 120 5.47 9.57 11.14
CA GLU B 120 5.72 10.11 12.47
C GLU B 120 4.38 10.08 13.21
N PRO B 121 4.27 9.28 14.28
CA PRO B 121 3.05 9.13 15.10
C PRO B 121 2.60 10.41 15.80
N ALA B 122 1.33 10.43 16.16
CA ALA B 122 0.72 11.52 16.92
C ALA B 122 -0.45 10.90 17.73
N ILE B 123 -1.08 11.71 18.57
CA ILE B 123 -2.20 11.25 19.39
C ILE B 123 -3.46 11.08 18.54
N SER B 124 -4.03 9.88 18.53
CA SER B 124 -5.24 9.60 17.74
C SER B 124 -6.53 9.79 18.52
N SER B 125 -7.64 9.88 17.80
CA SER B 125 -8.93 10.03 18.46
C SER B 125 -9.17 8.73 19.22
N VAL B 126 -8.58 7.65 18.76
CA VAL B 126 -8.72 6.37 19.48
C VAL B 126 -8.12 6.51 20.91
N GLN B 127 -6.95 7.12 21.02
CA GLN B 127 -6.33 7.29 22.34
C GLN B 127 -7.11 8.25 23.25
N VAL B 128 -7.64 9.31 22.66
CA VAL B 128 -8.42 10.25 23.45
C VAL B 128 -9.62 9.50 24.00
N ALA B 129 -10.28 8.71 23.16
CA ALA B 129 -11.46 7.95 23.58
C ALA B 129 -11.11 6.97 24.71
N LEU B 130 -10.08 6.16 24.48
CA LEU B 130 -9.63 5.19 25.47
C LEU B 130 -9.25 5.92 26.76
N ALA B 131 -8.72 7.12 26.66
CA ALA B 131 -8.37 7.84 27.86
C ALA B 131 -9.65 8.27 28.61
N ARG B 132 -10.68 8.72 27.89
CA ARG B 132 -11.91 9.13 28.58
C ARG B 132 -12.57 7.94 29.26
N LEU B 133 -12.54 6.78 28.60
CA LEU B 133 -13.16 5.54 29.08
C LEU B 133 -12.34 4.74 30.07
N LYS B 134 -11.05 5.05 30.18
N LYS B 134 -11.05 5.08 30.14
CA LYS B 134 -10.18 4.29 31.10
CA LYS B 134 -10.15 4.37 31.04
C LYS B 134 -10.09 2.83 30.65
C LYS B 134 -10.11 2.89 30.65
N VAL B 135 -10.05 2.63 29.35
CA VAL B 135 -9.98 1.26 28.82
C VAL B 135 -8.64 1.10 28.09
N ASP B 136 -8.05 -0.08 28.18
CA ASP B 136 -6.75 -0.32 27.54
C ASP B 136 -6.92 -0.74 26.09
N LEU B 137 -6.00 -0.32 25.22
CA LEU B 137 -6.04 -0.67 23.79
C LEU B 137 -6.03 -2.17 23.62
N SER B 138 -5.34 -2.88 24.52
CA SER B 138 -5.26 -4.34 24.41
C SER B 138 -6.56 -5.02 24.81
N GLU B 139 -7.56 -4.21 25.14
CA GLU B 139 -8.88 -4.74 25.54
C GLU B 139 -9.90 -4.51 24.43
N VAL B 140 -9.49 -3.87 23.33
CA VAL B 140 -10.42 -3.59 22.26
C VAL B 140 -9.91 -3.94 20.87
N ALA B 141 -10.80 -3.82 19.90
CA ALA B 141 -10.50 -4.04 18.49
C ALA B 141 -10.98 -2.73 17.87
N VAL B 142 -10.08 -2.03 17.22
CA VAL B 142 -10.38 -0.77 16.57
C VAL B 142 -10.92 -1.14 15.19
N VAL B 143 -12.11 -0.67 14.83
CA VAL B 143 -12.64 -0.96 13.51
C VAL B 143 -12.88 0.34 12.77
N ASP B 144 -12.41 0.39 11.53
CA ASP B 144 -12.54 1.55 10.65
C ASP B 144 -13.84 1.34 9.89
N CYS B 145 -14.84 2.16 10.16
CA CYS B 145 -16.09 1.90 9.49
C CYS B 145 -16.66 2.78 8.42
N HIS B 146 -16.91 2.08 7.31
CA HIS B 146 -17.44 2.61 6.06
C HIS B 146 -18.22 1.48 5.37
N ALA B 152 -18.26 -10.28 10.94
CA ALA B 152 -17.21 -10.59 11.92
C ALA B 152 -17.10 -9.50 12.97
N GLU B 153 -17.76 -8.38 12.73
CA GLU B 153 -17.73 -7.26 13.66
C GLU B 153 -18.92 -7.35 14.61
N LEU B 154 -19.72 -8.39 14.46
CA LEU B 154 -20.89 -8.54 15.32
C LEU B 154 -20.62 -9.58 16.39
N THR B 155 -20.63 -10.85 16.00
CA THR B 155 -20.40 -11.93 16.95
C THR B 155 -18.94 -12.33 17.04
N GLU B 156 -18.17 -12.06 15.99
CA GLU B 156 -16.78 -12.46 15.98
C GLU B 156 -15.84 -11.73 16.93
N LEU B 157 -15.53 -10.46 16.66
CA LEU B 157 -14.63 -9.72 17.53
C LEU B 157 -15.22 -9.53 18.92
N LEU B 158 -16.50 -9.19 18.99
CA LEU B 158 -17.18 -8.99 20.26
C LEU B 158 -17.08 -10.19 21.19
N LYS B 159 -16.67 -11.34 20.65
CA LYS B 159 -16.52 -12.51 21.49
C LYS B 159 -15.31 -12.34 22.38
N TYR B 160 -14.31 -11.59 21.91
CA TYR B 160 -13.09 -11.42 22.69
C TYR B 160 -12.68 -9.98 22.98
N ARG B 161 -13.36 -9.03 22.37
CA ARG B 161 -12.98 -7.62 22.52
C ARG B 161 -14.11 -6.61 22.54
N HIS B 162 -13.88 -5.49 23.21
CA HIS B 162 -14.85 -4.41 23.16
C HIS B 162 -14.53 -3.87 21.76
N LEU B 163 -15.46 -3.16 21.17
CA LEU B 163 -15.18 -2.57 19.88
C LEU B 163 -15.07 -1.06 20.06
N LEU B 164 -14.16 -0.47 19.29
CA LEU B 164 -13.99 0.96 19.30
C LEU B 164 -14.09 1.25 17.81
N ILE B 165 -15.28 1.66 17.38
CA ILE B 165 -15.52 1.92 15.96
C ILE B 165 -15.34 3.38 15.62
N LEU B 166 -14.51 3.64 14.62
CA LEU B 166 -14.31 5.01 14.14
C LEU B 166 -15.45 5.21 13.14
N ALA B 167 -16.45 6.01 13.52
CA ALA B 167 -17.60 6.20 12.65
C ALA B 167 -17.88 7.63 12.24
N ASP B 168 -18.78 7.75 11.27
CA ASP B 168 -19.23 9.05 10.79
C ASP B 168 -20.74 8.95 10.88
N SER B 169 -21.45 10.04 10.61
CA SER B 169 -22.91 10.09 10.71
C SER B 169 -23.70 9.07 9.91
N HIS B 170 -23.05 8.38 8.98
CA HIS B 170 -23.71 7.40 8.13
C HIS B 170 -23.55 5.96 8.62
N PHE B 171 -22.87 5.77 9.74
CA PHE B 171 -22.69 4.42 10.24
C PHE B 171 -24.08 3.81 10.46
N PRO B 172 -24.29 2.59 9.93
CA PRO B 172 -25.61 1.96 10.12
C PRO B 172 -25.66 1.29 11.49
N LEU B 173 -26.30 1.96 12.44
CA LEU B 173 -26.42 1.47 13.81
C LEU B 173 -27.19 0.16 13.98
N GLU B 174 -28.14 -0.11 13.09
N GLU B 174 -28.08 -0.10 13.02
CA GLU B 174 -28.95 -1.32 13.21
CA GLU B 174 -28.92 -1.28 12.99
C GLU B 174 -28.08 -2.57 13.09
C GLU B 174 -28.14 -2.58 13.18
N ARG B 175 -26.85 -2.39 12.60
N ARG B 175 -27.02 -2.71 12.49
CA ARG B 175 -25.95 -3.51 12.48
CA ARG B 175 -26.16 -3.91 12.57
C ARG B 175 -25.30 -3.84 13.83
C ARG B 175 -25.72 -4.22 13.99
N LEU B 176 -25.84 -3.25 14.88
CA LEU B 176 -25.39 -3.46 16.27
C LEU B 176 -26.54 -3.92 17.18
N GLY B 177 -27.68 -4.25 16.59
CA GLY B 177 -28.82 -4.71 17.37
C GLY B 177 -29.32 -3.84 18.51
N LYS B 178 -29.56 -4.46 19.67
CA LYS B 178 -30.07 -3.73 20.83
C LYS B 178 -28.92 -3.39 21.78
N ARG B 179 -27.70 -3.63 21.32
CA ARG B 179 -26.52 -3.39 22.15
C ARG B 179 -26.33 -1.99 22.68
N ARG B 180 -25.86 -1.92 23.91
CA ARG B 180 -25.58 -0.66 24.55
C ARG B 180 -24.34 -0.11 23.87
N VAL B 181 -24.31 1.20 23.65
CA VAL B 181 -23.16 1.84 23.02
C VAL B 181 -22.88 3.19 23.66
N VAL B 182 -21.63 3.60 23.59
CA VAL B 182 -21.20 4.88 24.12
C VAL B 182 -20.70 5.65 22.90
N LEU B 183 -21.20 6.88 22.75
CA LEU B 183 -20.85 7.75 21.64
C LEU B 183 -19.90 8.82 22.13
N LEU B 184 -18.71 8.86 21.55
CA LEU B 184 -17.74 9.89 21.91
C LEU B 184 -17.61 10.77 20.68
N GLU B 185 -18.31 11.90 20.72
CA GLU B 185 -18.38 12.82 19.61
C GLU B 185 -17.57 14.08 19.76
N ASN B 186 -16.90 14.45 18.67
CA ASN B 186 -16.14 15.68 18.64
C ASN B 186 -15.19 15.82 19.82
N LEU B 187 -14.43 14.76 20.10
CA LEU B 187 -13.49 14.80 21.21
C LEU B 187 -12.53 15.96 21.01
N CYS B 188 -12.38 16.77 22.06
CA CYS B 188 -11.46 17.91 22.03
C CYS B 188 -11.82 19.01 21.06
N MSE B 189 -13.06 18.99 20.60
CA MSE B 189 -13.51 20.03 19.70
C MSE B 189 -14.56 20.84 20.45
O MSE B 189 -14.99 20.47 21.55
CB MSE B 189 -14.12 19.42 18.44
CG MSE B 189 -13.15 18.57 17.62
SE MSE B 189 -14.00 17.92 16.01
CE MSE B 189 -13.46 16.16 16.03
N GLU B 190 -14.99 21.97 19.87
N GLU B 190 -14.97 21.93 19.82
CA GLU B 190 -15.99 22.83 20.51
CA GLU B 190 -15.98 22.82 20.36
C GLU B 190 -17.27 22.07 20.86
C GLU B 190 -17.21 22.04 20.84
N GLY B 191 -17.74 21.21 19.95
CA GLY B 191 -18.94 20.45 20.24
C GLY B 191 -18.82 19.08 20.89
N GLU B 192 -17.76 18.88 21.68
CA GLU B 192 -17.56 17.59 22.33
C GLU B 192 -18.75 17.12 23.17
N ARG B 193 -19.17 15.87 22.94
CA ARG B 193 -20.27 15.26 23.67
C ARG B 193 -20.02 13.78 23.88
N ILE B 194 -20.46 13.27 25.01
CA ILE B 194 -20.38 11.86 25.28
C ILE B 194 -21.80 11.44 25.65
N ARG B 195 -22.36 10.50 24.91
CA ARG B 195 -23.72 10.05 25.16
C ARG B 195 -23.78 8.54 25.27
N GLU B 196 -24.77 8.05 26.00
N GLU B 196 -24.74 8.02 26.02
CA GLU B 196 -24.97 6.61 26.21
CA GLU B 196 -24.90 6.57 26.16
C GLU B 196 -26.31 6.21 25.61
C GLU B 196 -26.32 6.18 25.78
N GLY B 197 -26.49 4.93 25.37
CA GLY B 197 -27.77 4.46 24.90
C GLY B 197 -27.67 3.14 24.17
N ASN B 198 -28.77 2.76 23.54
CA ASN B 198 -28.82 1.51 22.81
C ASN B 198 -28.76 1.76 21.32
N ALA B 199 -28.04 0.90 20.61
CA ALA B 199 -27.87 1.05 19.17
C ALA B 199 -29.17 1.28 18.41
N ASP B 200 -30.20 0.50 18.75
CA ASP B 200 -31.49 0.59 18.06
C ASP B 200 -32.35 1.81 18.35
N SER B 201 -32.04 2.55 19.40
CA SER B 201 -32.83 3.71 19.76
C SER B 201 -32.05 5.00 20.03
N ILE B 202 -30.91 5.16 19.38
CA ILE B 202 -30.09 6.37 19.55
C ILE B 202 -29.65 6.79 18.15
N GLU B 203 -29.58 8.09 17.89
CA GLU B 203 -29.17 8.54 16.57
C GLU B 203 -27.83 9.24 16.56
N LEU B 204 -27.08 9.01 15.48
CA LEU B 204 -25.79 9.63 15.29
C LEU B 204 -26.03 11.05 14.78
N GLU B 205 -25.09 11.95 15.00
CA GLU B 205 -25.23 13.32 14.52
C GLU B 205 -23.91 13.90 14.05
N SER B 206 -22.80 13.31 14.46
CA SER B 206 -21.50 13.85 14.04
C SER B 206 -20.66 12.89 13.20
N ASP B 207 -19.92 13.43 12.23
CA ASP B 207 -19.06 12.60 11.41
C ASP B 207 -17.77 12.26 12.17
N TYR B 208 -17.64 12.81 13.37
CA TYR B 208 -16.49 12.55 14.22
C TYR B 208 -17.03 11.82 15.44
N THR B 209 -17.41 10.57 15.23
CA THR B 209 -17.98 9.76 16.32
C THR B 209 -17.26 8.46 16.57
N ILE B 210 -16.84 8.25 17.81
CA ILE B 210 -16.21 6.98 18.16
C ILE B 210 -17.32 6.21 18.84
N ILE B 211 -17.53 4.97 18.44
CA ILE B 211 -18.59 4.17 19.04
C ILE B 211 -18.00 3.07 19.90
N PHE B 212 -18.11 3.20 21.21
CA PHE B 212 -17.57 2.15 22.07
C PHE B 212 -18.61 1.05 22.32
N VAL B 213 -18.30 -0.19 21.93
CA VAL B 213 -19.22 -1.31 22.16
C VAL B 213 -18.60 -2.31 23.15
N GLU B 214 -19.12 -2.34 24.36
CA GLU B 214 -18.60 -3.25 25.37
C GLU B 214 -18.81 -4.70 24.94
N ARG B 215 -17.84 -5.56 25.20
CA ARG B 215 -17.96 -6.94 24.78
C ARG B 215 -18.92 -7.79 25.62
N GLU B 216 -19.30 -8.93 25.06
CA GLU B 216 -20.24 -9.87 25.67
C GLU B 216 -19.59 -10.75 26.74
N VAL B 217 -20.26 -10.91 27.88
CA VAL B 217 -19.76 -11.73 28.98
C VAL B 217 -20.91 -12.44 29.71
N SAH C . 8.17 -10.27 -11.50
CA SAH C . 6.82 -10.02 -11.14
CB SAH C . 6.23 -8.88 -11.96
CG SAH C . 6.81 -7.47 -11.98
SD SAH C . 6.26 -6.32 -13.22
C SAH C . 6.09 -11.31 -11.23
O SAH C . 5.03 -11.20 -10.75
OXT SAH C . 6.55 -12.28 -11.78
C5' SAH C . 5.16 -5.64 -12.01
C4' SAH C . 3.69 -5.84 -12.32
O4' SAH C . 3.20 -7.06 -11.98
C3' SAH C . 2.75 -4.80 -11.77
O3' SAH C . 2.70 -3.64 -12.48
C2' SAH C . 1.47 -5.56 -11.80
O2' SAH C . 0.82 -5.43 -12.98
C1' SAH C . 1.89 -6.99 -11.65
N9 SAH C . 1.76 -7.42 -10.28
C8 SAH C . 2.77 -7.66 -9.49
N7 SAH C . 2.37 -8.08 -8.34
C5 SAH C . 1.09 -8.12 -8.37
C6 SAH C . 0.17 -8.49 -7.45
N6 SAH C . 0.49 -8.88 -6.26
N1 SAH C . -1.10 -8.44 -7.77
C2 SAH C . -1.46 -8.02 -8.99
N3 SAH C . -0.57 -7.68 -9.87
C4 SAH C . 0.70 -7.70 -9.58
N SAH D . -6.21 9.48 12.14
CA SAH D . -7.44 9.93 12.69
CB SAH D . -8.58 9.12 12.09
CG SAH D . -9.17 9.38 10.71
SD SAH D . -10.51 8.35 10.23
C SAH D . -7.33 9.89 14.18
O SAH D . -6.36 9.36 14.52
OXT SAH D . -8.22 10.40 14.77
C5' SAH D . -11.66 9.62 10.69
C4' SAH D . -12.55 9.26 11.87
O4' SAH D . -11.94 9.37 13.11
C3' SAH D . -13.88 9.90 11.99
O3' SAH D . -14.79 9.33 11.15
C2' SAH D . -14.19 9.65 13.43
O2' SAH D . -14.81 8.46 13.69
C1' SAH D . -12.86 9.55 14.09
N9 SAH D . -12.54 10.79 14.68
C8 SAH D . -11.63 11.57 14.25
N7 SAH D . -11.51 12.60 15.00
C5 SAH D . -12.38 12.48 15.96
C6 SAH D . -12.66 13.27 17.03
N6 SAH D . -12.07 14.41 17.27
N1 SAH D . -13.60 12.86 17.87
C2 SAH D . -14.25 11.74 17.64
N3 SAH D . -13.94 10.98 16.61
C4 SAH D . -13.04 11.34 15.78
#